data_5KN4
#
_entry.id   5KN4
#
_cell.length_a   53.743
_cell.length_b   72.301
_cell.length_c   97.136
_cell.angle_alpha   90.00
_cell.angle_beta   99.75
_cell.angle_gamma   90.00
#
_symmetry.space_group_name_H-M   'P 1 21 1'
#
loop_
_entity.id
_entity.type
_entity.pdbx_description
1 polymer 'Pavine N-methyltransferase'
2 water water
#
_entity_poly.entity_id   1
_entity_poly.type   'polypeptide(L)'
_entity_poly.pdbx_seq_one_letter_code
;MRGSHHHHHHGMASMTGGQQMGRDLYDDDDKDRWIRPRDLQMETKQTKKEAVANLIKRIEHGEVSDEEIRGMMKIQVQKR
LKWGYKPTHEQQLAQLVTFAQSLKGMEMAEEVDTLDAELYEIPLPFLHIMCGKTLKFSPGYFKDESTTLDESEVYMMDLY
CERAQIKDGQSILDLGCGHGSLTLHVAQKYRGCKVTGITNSVSQKEFIMDQCKKLDLSNVEIILEDVTKFETEITYDRIF
AVALIEHMKNYELFLKKVSTWIAQDGLLFVEHHCHKVFAYQYEPLDEDDWYTEYIFPSGTLVMSSSSILLYFQEDVSVVN
HWTLSGKHPSLGFKQWLKRLDDNIDEVKEIFESFYGSKEKAMKFITYWRVFCIAHSQMYSTNNGEEWMLSQVLFKKK
;
_entity_poly.pdbx_strand_id   A,B
#
# COMPACT_ATOMS: atom_id res chain seq x y z
N ALA A 53 -9.85 14.99 34.14
CA ALA A 53 -11.19 14.75 34.65
C ALA A 53 -11.92 16.06 34.89
N ASN A 54 -11.33 16.92 35.72
CA ASN A 54 -11.93 18.22 36.00
C ASN A 54 -11.57 19.22 34.92
N LEU A 55 -10.60 18.88 34.08
CA LEU A 55 -10.25 19.71 32.93
C LEU A 55 -11.48 19.86 32.05
N ILE A 56 -12.20 18.75 31.86
CA ILE A 56 -13.40 18.73 31.03
C ILE A 56 -14.47 19.70 31.49
N LYS A 57 -14.82 19.61 32.77
CA LYS A 57 -15.82 20.49 33.36
C LYS A 57 -15.51 21.94 33.04
N ARG A 58 -14.25 22.33 33.24
CA ARG A 58 -13.84 23.71 33.05
C ARG A 58 -14.00 24.20 31.60
N ILE A 59 -13.67 23.35 30.64
CA ILE A 59 -13.82 23.73 29.23
C ILE A 59 -15.28 24.10 28.92
N GLU A 60 -16.19 23.33 29.49
CA GLU A 60 -17.61 23.50 29.22
C GLU A 60 -18.15 24.86 29.69
N HIS A 61 -17.58 25.41 30.75
CA HIS A 61 -18.04 26.70 31.26
C HIS A 61 -17.30 27.87 30.63
N GLY A 62 -16.49 27.57 29.62
CA GLY A 62 -15.82 28.61 28.85
C GLY A 62 -14.72 29.34 29.60
N GLU A 63 -14.04 28.62 30.47
CA GLU A 63 -12.85 29.16 31.13
C GLU A 63 -11.58 28.58 30.49
N VAL A 64 -11.74 27.84 29.40
CA VAL A 64 -10.61 27.34 28.62
C VAL A 64 -10.74 27.86 27.20
N SER A 65 -9.89 28.82 26.84
CA SER A 65 -9.98 29.48 25.54
C SER A 65 -9.73 28.55 24.36
N ASP A 66 -10.15 28.98 23.18
CA ASP A 66 -9.92 28.25 21.95
C ASP A 66 -8.42 28.04 21.69
N GLU A 67 -7.61 29.05 22.00
CA GLU A 67 -6.18 28.99 21.75
C GLU A 67 -5.50 27.97 22.64
N GLU A 68 -5.94 27.88 23.89
CA GLU A 68 -5.47 26.84 24.80
C GLU A 68 -5.77 25.44 24.25
N ILE A 69 -6.97 25.25 23.74
CA ILE A 69 -7.38 23.95 23.19
C ILE A 69 -6.54 23.58 21.96
N ARG A 70 -6.27 24.55 21.09
CA ARG A 70 -5.39 24.32 19.94
C ARG A 70 -4.01 23.89 20.42
N GLY A 71 -3.52 24.61 21.43
CA GLY A 71 -2.22 24.30 22.01
C GLY A 71 -2.14 22.91 22.61
N MET A 72 -3.19 22.51 23.35
CA MET A 72 -3.26 21.20 23.97
C MET A 72 -3.22 20.13 22.90
N MET A 73 -3.93 20.39 21.80
CA MET A 73 -3.93 19.47 20.66
C MET A 73 -2.57 19.39 19.95
N LYS A 74 -1.86 20.52 19.80
CA LYS A 74 -0.49 20.48 19.23
C LYS A 74 0.38 19.50 19.99
N ILE A 75 0.25 19.51 21.31
CA ILE A 75 1.00 18.60 22.18
C ILE A 75 0.58 17.15 21.97
N GLN A 76 -0.73 16.91 21.97
CA GLN A 76 -1.29 15.59 21.70
C GLN A 76 -0.77 15.03 20.38
N VAL A 77 -0.84 15.84 19.34
CA VAL A 77 -0.38 15.52 18.00
C VAL A 77 1.10 15.08 17.99
N GLN A 78 1.97 15.85 18.64
CA GLN A 78 3.40 15.53 18.64
C GLN A 78 3.70 14.22 19.36
N LYS A 79 2.92 13.94 20.40
CA LYS A 79 2.99 12.65 21.07
C LYS A 79 2.56 11.50 20.17
N ARG A 80 1.46 11.69 19.42
CA ARG A 80 0.92 10.65 18.55
C ARG A 80 1.87 10.35 17.39
N LEU A 81 2.45 11.40 16.82
CA LEU A 81 3.47 11.22 15.78
C LEU A 81 4.71 10.46 16.31
N LYS A 82 5.19 10.84 17.48
CA LYS A 82 6.37 10.16 18.05
C LYS A 82 6.06 8.69 18.33
N TRP A 83 4.85 8.43 18.84
CA TRP A 83 4.35 7.06 19.08
C TRP A 83 4.24 6.24 17.78
N GLY A 84 3.89 6.89 16.67
CA GLY A 84 3.63 6.16 15.43
C GLY A 84 4.81 5.93 14.48
N TYR A 85 5.74 6.87 14.44
CA TYR A 85 6.82 6.77 13.48
C TYR A 85 7.91 5.84 14.01
N LYS A 86 8.46 5.03 13.12
CA LYS A 86 9.49 4.05 13.53
C LYS A 86 10.79 4.37 12.84
N PRO A 87 11.94 3.99 13.46
CA PRO A 87 13.26 4.27 12.86
C PRO A 87 13.51 3.58 11.49
N THR A 88 12.80 2.50 11.18
CA THR A 88 13.09 1.77 9.95
C THR A 88 11.81 1.41 9.21
N HIS A 89 11.87 1.29 7.89
CA HIS A 89 10.67 0.89 7.11
C HIS A 89 10.21 -0.51 7.51
N GLU A 90 11.16 -1.41 7.81
CA GLU A 90 10.77 -2.74 8.27
C GLU A 90 9.79 -2.70 9.47
N GLN A 91 10.09 -1.86 10.45
CA GLN A 91 9.26 -1.75 11.65
C GLN A 91 7.96 -1.00 11.35
N GLN A 92 8.07 0.01 10.51
CA GLN A 92 6.91 0.84 10.17
C GLN A 92 5.88 -0.04 9.49
N LEU A 93 6.34 -0.83 8.53
CA LEU A 93 5.42 -1.69 7.80
C LEU A 93 4.84 -2.77 8.70
N ALA A 94 5.70 -3.41 9.50
CA ALA A 94 5.25 -4.42 10.46
C ALA A 94 4.12 -3.90 11.38
N GLN A 95 4.25 -2.65 11.81
CA GLN A 95 3.24 -2.02 12.67
C GLN A 95 1.90 -1.96 11.95
N LEU A 96 1.91 -1.51 10.70
CA LEU A 96 0.69 -1.43 9.89
C LEU A 96 0.06 -2.79 9.59
N VAL A 97 0.85 -3.76 9.14
CA VAL A 97 0.25 -5.04 8.78
C VAL A 97 -0.29 -5.75 10.03
N THR A 98 0.43 -5.66 11.15
CA THR A 98 -0.03 -6.28 12.39
C THR A 98 -1.35 -5.60 12.85
N PHE A 99 -1.43 -4.28 12.71
CA PHE A 99 -2.68 -3.58 13.03
C PHE A 99 -3.85 -4.01 12.13
N ALA A 100 -3.64 -4.03 10.82
CA ALA A 100 -4.71 -4.50 9.89
C ALA A 100 -5.19 -5.93 10.23
N GLN A 101 -4.24 -6.82 10.55
CA GLN A 101 -4.63 -8.19 10.88
C GLN A 101 -5.49 -8.23 12.14
N SER A 102 -5.18 -7.39 13.13
CA SER A 102 -6.01 -7.26 14.34
C SER A 102 -7.44 -6.75 14.06
N LEU A 103 -7.61 -5.95 13.00
CA LEU A 103 -8.94 -5.48 12.65
C LEU A 103 -9.83 -6.63 12.21
N LYS A 104 -9.20 -7.65 11.63
CA LYS A 104 -9.93 -8.80 11.14
C LYS A 104 -10.57 -9.62 12.26
N GLY A 105 -10.13 -9.38 13.49
CA GLY A 105 -10.69 -10.07 14.63
C GLY A 105 -11.77 -9.30 15.38
N MET A 106 -12.11 -8.12 14.89
CA MET A 106 -12.99 -7.20 15.61
C MET A 106 -14.40 -7.20 15.06
N GLU A 107 -15.30 -6.51 15.74
CA GLU A 107 -16.61 -6.25 15.16
C GLU A 107 -16.52 -5.28 14.02
N MET A 108 -17.49 -5.33 13.12
CA MET A 108 -17.60 -4.32 12.06
C MET A 108 -17.71 -2.92 12.65
N ALA A 109 -18.63 -2.72 13.59
CA ALA A 109 -18.85 -1.39 14.18
C ALA A 109 -19.28 -1.42 15.64
N ILE A 122 -30.08 14.57 16.63
CA ILE A 122 -29.89 15.95 16.14
C ILE A 122 -31.18 16.62 15.69
N PRO A 123 -31.49 17.77 16.29
CA PRO A 123 -32.71 18.51 15.91
C PRO A 123 -32.60 19.11 14.50
N LEU A 124 -33.64 18.94 13.70
CA LEU A 124 -33.71 19.52 12.35
C LEU A 124 -33.31 20.99 12.23
N PRO A 125 -33.74 21.87 13.17
CA PRO A 125 -33.32 23.27 13.02
C PRO A 125 -31.80 23.45 12.99
N PHE A 126 -31.08 22.58 13.70
CA PHE A 126 -29.63 22.63 13.68
C PHE A 126 -29.17 22.26 12.26
N LEU A 127 -29.68 21.17 11.71
CA LEU A 127 -29.34 20.74 10.35
C LEU A 127 -29.64 21.82 9.33
N HIS A 128 -30.72 22.57 9.57
CA HIS A 128 -31.15 23.63 8.66
C HIS A 128 -30.18 24.81 8.76
N ILE A 129 -29.61 25.01 9.95
CA ILE A 129 -28.60 26.06 10.12
C ILE A 129 -27.29 25.65 9.44
N MET A 130 -26.81 24.46 9.75
CA MET A 130 -25.47 24.06 9.33
C MET A 130 -25.38 23.54 7.89
N CYS A 131 -26.46 23.65 7.11
CA CYS A 131 -26.50 23.05 5.78
C CYS A 131 -27.30 23.88 4.80
N SER A 146 -10.09 29.79 1.43
CA SER A 146 -10.80 31.01 1.06
C SER A 146 -12.21 30.72 0.55
N THR A 147 -12.42 29.48 0.10
CA THR A 147 -13.73 29.02 -0.36
C THR A 147 -14.73 29.12 0.78
N THR A 148 -16.01 29.32 0.46
CA THR A 148 -17.02 29.23 1.50
C THR A 148 -17.30 27.76 1.81
N LEU A 149 -17.99 27.50 2.93
CA LEU A 149 -18.35 26.15 3.30
C LEU A 149 -19.17 25.50 2.17
N ASP A 150 -20.22 26.19 1.74
CA ASP A 150 -21.08 25.75 0.63
C ASP A 150 -20.28 25.30 -0.59
N GLU A 151 -19.36 26.14 -1.05
CA GLU A 151 -18.69 25.89 -2.31
C GLU A 151 -17.75 24.69 -2.26
N SER A 152 -16.89 24.64 -1.23
CA SER A 152 -15.97 23.52 -1.06
C SER A 152 -16.73 22.20 -0.97
N GLU A 153 -17.94 22.26 -0.41
CA GLU A 153 -18.75 21.06 -0.29
C GLU A 153 -19.16 20.58 -1.68
N VAL A 154 -19.58 21.54 -2.51
CA VAL A 154 -19.97 21.26 -3.88
C VAL A 154 -18.79 20.77 -4.72
N TYR A 155 -17.63 21.40 -4.56
CA TYR A 155 -16.42 20.96 -5.26
C TYR A 155 -16.08 19.50 -4.89
N MET A 156 -16.23 19.15 -3.62
CA MET A 156 -15.88 17.81 -3.14
C MET A 156 -16.86 16.77 -3.73
N MET A 157 -18.14 17.13 -3.80
CA MET A 157 -19.15 16.20 -4.30
C MET A 157 -19.10 16.05 -5.82
N ASP A 158 -18.62 17.07 -6.52
CA ASP A 158 -18.34 16.91 -7.93
C ASP A 158 -17.12 16.01 -8.15
N LEU A 159 -16.12 16.15 -7.32
CA LEU A 159 -14.94 15.29 -7.40
C LEU A 159 -15.30 13.81 -7.13
N TYR A 160 -16.16 13.55 -6.16
CA TYR A 160 -16.68 12.19 -5.93
C TYR A 160 -17.40 11.63 -7.15
N CYS A 161 -18.25 12.44 -7.78
CA CYS A 161 -19.02 11.94 -8.92
C CYS A 161 -18.09 11.67 -10.09
N GLU A 162 -17.06 12.49 -10.24
CA GLU A 162 -16.11 12.25 -11.31
C GLU A 162 -15.25 10.98 -11.04
N ARG A 163 -14.70 10.87 -9.84
CA ARG A 163 -13.83 9.74 -9.55
C ARG A 163 -14.60 8.41 -9.42
N ALA A 164 -15.90 8.49 -9.12
CA ALA A 164 -16.74 7.30 -9.01
C ALA A 164 -17.39 6.96 -10.33
N GLN A 165 -17.01 7.70 -11.36
CA GLN A 165 -17.52 7.52 -12.73
C GLN A 165 -19.05 7.44 -12.80
N ILE A 166 -19.72 8.39 -12.16
CA ILE A 166 -21.18 8.45 -12.20
C ILE A 166 -21.67 8.86 -13.60
N LYS A 167 -22.75 8.22 -14.04
CA LYS A 167 -23.38 8.51 -15.32
C LYS A 167 -24.89 8.43 -15.15
N ASP A 168 -25.63 9.32 -15.82
CA ASP A 168 -27.10 9.35 -15.82
C ASP A 168 -27.62 7.96 -16.13
N GLY A 169 -28.62 7.48 -15.38
CA GLY A 169 -29.14 6.13 -15.63
C GLY A 169 -28.74 5.03 -14.63
N GLN A 170 -27.67 5.24 -13.87
CA GLN A 170 -27.17 4.24 -12.93
C GLN A 170 -28.03 4.13 -11.67
N SER A 171 -28.05 2.95 -11.06
CA SER A 171 -28.61 2.81 -9.72
C SER A 171 -27.50 3.09 -8.71
N ILE A 172 -27.81 3.88 -7.70
CA ILE A 172 -26.77 4.40 -6.83
C ILE A 172 -27.15 4.18 -5.38
N LEU A 173 -26.24 3.59 -4.63
CA LEU A 173 -26.44 3.34 -3.21
C LEU A 173 -25.51 4.25 -2.40
N ASP A 174 -26.09 5.03 -1.51
CA ASP A 174 -25.32 5.87 -0.59
C ASP A 174 -25.39 5.32 0.84
N LEU A 175 -24.30 4.72 1.30
CA LEU A 175 -24.20 4.15 2.65
C LEU A 175 -23.86 5.20 3.71
N GLY A 176 -24.57 5.20 4.83
CA GLY A 176 -24.51 6.33 5.75
C GLY A 176 -24.70 7.67 5.03
N CYS A 177 -25.89 7.90 4.50
CA CYS A 177 -26.09 9.10 3.68
C CYS A 177 -26.22 10.37 4.53
N GLY A 178 -26.36 10.18 5.84
CA GLY A 178 -26.24 11.28 6.78
C GLY A 178 -27.21 12.44 6.58
N HIS A 179 -26.64 13.64 6.44
CA HIS A 179 -27.39 14.87 6.13
C HIS A 179 -28.14 14.66 4.81
N GLY A 180 -27.65 13.71 4.03
CA GLY A 180 -28.24 13.38 2.74
C GLY A 180 -27.69 14.29 1.67
N SER A 181 -26.61 14.98 1.99
CA SER A 181 -26.05 15.96 1.08
C SER A 181 -25.65 15.34 -0.25
N LEU A 182 -24.93 14.22 -0.20
CA LEU A 182 -24.41 13.61 -1.42
C LEU A 182 -25.53 12.93 -2.21
N THR A 183 -26.41 12.25 -1.47
CA THR A 183 -27.58 11.60 -2.06
C THR A 183 -28.42 12.62 -2.83
N LEU A 184 -28.65 13.79 -2.22
CA LEU A 184 -29.41 14.86 -2.88
C LEU A 184 -28.61 15.47 -4.00
N HIS A 185 -27.28 15.57 -3.83
CA HIS A 185 -26.46 16.19 -4.87
C HIS A 185 -26.50 15.35 -6.14
N VAL A 186 -26.34 14.03 -5.96
CA VAL A 186 -26.35 13.11 -7.09
C VAL A 186 -27.71 13.07 -7.77
N ALA A 187 -28.76 12.87 -6.97
CA ALA A 187 -30.11 12.76 -7.47
C ALA A 187 -30.57 14.00 -8.23
N GLN A 188 -30.10 15.16 -7.79
CA GLN A 188 -30.43 16.41 -8.45
C GLN A 188 -29.73 16.55 -9.77
N LYS A 189 -28.50 16.02 -9.86
CA LYS A 189 -27.69 16.23 -11.06
C LYS A 189 -27.95 15.20 -12.14
N TYR A 190 -28.32 13.99 -11.73
CA TYR A 190 -28.60 12.91 -12.66
C TYR A 190 -30.04 12.48 -12.45
N ARG A 191 -30.95 13.12 -13.20
CA ARG A 191 -32.38 12.88 -13.05
C ARG A 191 -32.77 11.45 -13.42
N GLY A 192 -32.00 10.83 -14.31
CA GLY A 192 -32.20 9.44 -14.69
C GLY A 192 -31.66 8.39 -13.70
N CYS A 193 -30.81 8.79 -12.75
CA CYS A 193 -30.33 7.87 -11.70
C CYS A 193 -31.38 7.58 -10.63
N LYS A 194 -31.47 6.33 -10.19
CA LYS A 194 -32.20 6.05 -8.98
C LYS A 194 -31.20 6.01 -7.81
N VAL A 195 -31.47 6.82 -6.79
CA VAL A 195 -30.57 6.98 -5.66
C VAL A 195 -31.20 6.44 -4.38
N THR A 196 -30.53 5.48 -3.76
CA THR A 196 -31.01 4.94 -2.52
C THR A 196 -30.00 5.28 -1.43
N GLY A 197 -30.49 5.85 -0.34
CA GLY A 197 -29.63 6.17 0.79
C GLY A 197 -29.97 5.35 2.02
N ILE A 198 -28.97 5.11 2.87
CA ILE A 198 -29.17 4.40 4.14
C ILE A 198 -28.75 5.26 5.35
N THR A 199 -29.67 5.49 6.28
CA THR A 199 -29.35 6.14 7.56
C THR A 199 -29.96 5.38 8.73
N ASN A 200 -29.37 5.52 9.91
CA ASN A 200 -29.95 4.91 11.11
C ASN A 200 -30.59 5.96 12.00
N SER A 201 -31.30 6.92 11.39
CA SER A 201 -31.85 8.07 12.12
C SER A 201 -33.37 8.27 12.06
N VAL A 202 -33.95 8.57 13.21
CA VAL A 202 -35.22 9.26 13.27
C VAL A 202 -35.17 10.54 12.38
N SER A 203 -34.20 11.41 12.61
CA SER A 203 -34.22 12.75 12.02
C SER A 203 -33.73 12.92 10.58
N GLN A 204 -32.48 12.58 10.31
CA GLN A 204 -31.85 12.84 9.01
C GLN A 204 -32.66 12.35 7.81
N LYS A 205 -33.39 11.25 8.01
CA LYS A 205 -34.21 10.69 6.93
C LYS A 205 -35.21 11.70 6.37
N GLU A 206 -35.92 12.43 7.21
CA GLU A 206 -36.80 13.45 6.62
C GLU A 206 -36.19 14.83 6.59
N PHE A 207 -34.97 15.02 7.06
CA PHE A 207 -34.27 16.23 6.62
C PHE A 207 -33.96 16.08 5.13
N ILE A 208 -33.75 14.84 4.70
CA ILE A 208 -33.58 14.51 3.28
C ILE A 208 -34.91 14.47 2.55
N MET A 209 -35.86 13.76 3.14
CA MET A 209 -37.15 13.55 2.46
C MET A 209 -37.98 14.83 2.41
N ASP A 210 -37.63 15.81 3.24
CA ASP A 210 -38.23 17.14 3.16
C ASP A 210 -37.61 17.89 2.01
N GLN A 211 -36.29 17.82 1.91
CA GLN A 211 -35.56 18.37 0.77
C GLN A 211 -36.09 17.87 -0.57
N CYS A 212 -36.47 16.59 -0.63
CA CYS A 212 -36.93 16.00 -1.88
C CYS A 212 -38.26 16.61 -2.34
N LYS A 213 -39.24 16.63 -1.44
CA LYS A 213 -40.56 17.21 -1.72
C LYS A 213 -40.45 18.69 -2.10
N LYS A 214 -39.46 19.37 -1.53
CA LYS A 214 -39.16 20.76 -1.86
C LYS A 214 -38.57 20.89 -3.28
N LEU A 215 -37.54 20.12 -3.54
CA LEU A 215 -36.82 20.17 -4.81
C LEU A 215 -37.58 19.42 -5.91
N ASP A 216 -38.66 18.77 -5.49
CA ASP A 216 -39.51 17.99 -6.38
C ASP A 216 -38.70 16.88 -7.07
N LEU A 217 -37.94 16.13 -6.29
CA LEU A 217 -37.21 14.97 -6.82
C LEU A 217 -37.99 13.70 -6.57
N SER A 218 -38.10 12.85 -7.59
CA SER A 218 -38.76 11.56 -7.40
C SER A 218 -37.80 10.36 -7.51
N ASN A 219 -36.50 10.60 -7.64
CA ASN A 219 -35.53 9.51 -7.82
C ASN A 219 -34.71 9.19 -6.55
N VAL A 220 -35.28 9.49 -5.39
CA VAL A 220 -34.62 9.23 -4.11
C VAL A 220 -35.44 8.36 -3.23
N GLU A 221 -34.80 7.35 -2.67
CA GLU A 221 -35.43 6.56 -1.63
C GLU A 221 -34.47 6.47 -0.45
N ILE A 222 -35.00 6.65 0.76
CA ILE A 222 -34.16 6.57 1.95
C ILE A 222 -34.62 5.41 2.84
N ILE A 223 -33.67 4.56 3.22
CA ILE A 223 -33.97 3.39 4.04
C ILE A 223 -33.43 3.57 5.44
N LEU A 224 -34.32 3.46 6.43
CA LEU A 224 -33.94 3.64 7.82
C LEU A 224 -33.35 2.37 8.37
N GLU A 225 -32.04 2.40 8.58
CA GLU A 225 -31.35 1.18 8.87
C GLU A 225 -29.90 1.44 9.26
N ASP A 226 -29.39 0.57 10.13
CA ASP A 226 -27.98 0.48 10.44
C ASP A 226 -27.30 -0.30 9.30
N VAL A 227 -26.30 0.31 8.67
CA VAL A 227 -25.59 -0.33 7.58
C VAL A 227 -25.00 -1.65 8.04
N THR A 228 -24.62 -1.71 9.31
CA THR A 228 -23.99 -2.89 9.91
C THR A 228 -24.83 -4.15 9.82
N LYS A 229 -26.14 -3.98 9.91
CA LYS A 229 -27.05 -5.11 9.98
C LYS A 229 -27.92 -5.18 8.73
N PHE A 230 -27.88 -4.11 7.95
CA PHE A 230 -28.63 -4.01 6.69
C PHE A 230 -28.36 -5.21 5.79
N GLU A 231 -29.45 -5.83 5.32
CA GLU A 231 -29.40 -6.91 4.38
C GLU A 231 -30.26 -6.57 3.16
N THR A 232 -29.72 -6.78 1.96
CA THR A 232 -30.51 -6.64 0.73
C THR A 232 -30.00 -7.61 -0.33
N GLU A 233 -30.88 -7.98 -1.27
CA GLU A 233 -30.49 -8.73 -2.44
C GLU A 233 -30.36 -7.86 -3.70
N ILE A 234 -30.61 -6.57 -3.55
CA ILE A 234 -30.49 -5.64 -4.67
C ILE A 234 -29.00 -5.38 -4.88
N THR A 235 -28.60 -5.24 -6.14
CA THR A 235 -27.26 -4.77 -6.50
C THR A 235 -27.32 -3.40 -7.19
N TYR A 236 -26.21 -2.69 -7.15
CA TYR A 236 -26.15 -1.29 -7.56
C TYR A 236 -24.95 -1.07 -8.44
N ASP A 237 -25.08 -0.17 -9.42
CA ASP A 237 -23.99 0.09 -10.33
C ASP A 237 -22.90 0.89 -9.62
N ARG A 238 -23.32 1.67 -8.63
CA ARG A 238 -22.39 2.56 -7.93
C ARG A 238 -22.75 2.57 -6.48
N ILE A 239 -21.74 2.47 -5.63
CA ILE A 239 -21.97 2.58 -4.19
C ILE A 239 -21.00 3.60 -3.59
N PHE A 240 -21.50 4.50 -2.74
CA PHE A 240 -20.68 5.48 -2.04
C PHE A 240 -20.55 5.11 -0.58
N ALA A 241 -19.33 5.18 -0.05
CA ALA A 241 -19.05 5.03 1.38
C ALA A 241 -18.09 6.13 1.80
N VAL A 242 -18.68 7.28 2.09
CA VAL A 242 -17.96 8.50 2.46
C VAL A 242 -18.25 8.80 3.93
N ALA A 243 -17.22 9.13 4.69
CA ALA A 243 -17.34 9.33 6.15
C ALA A 243 -18.05 8.17 6.86
N LEU A 244 -17.85 6.95 6.40
CA LEU A 244 -18.49 5.77 7.02
C LEU A 244 -17.46 4.89 7.73
N ILE A 245 -16.33 4.70 7.06
CA ILE A 245 -15.21 3.88 7.55
C ILE A 245 -14.64 4.34 8.87
N GLU A 246 -14.68 5.66 9.09
CA GLU A 246 -14.29 6.28 10.36
C GLU A 246 -15.01 5.66 11.56
N HIS A 247 -16.19 5.10 11.30
CA HIS A 247 -17.00 4.49 12.34
C HIS A 247 -16.88 2.97 12.40
N MET A 248 -16.09 2.38 11.50
CA MET A 248 -15.94 0.92 11.43
C MET A 248 -14.58 0.46 12.00
N LYS A 249 -14.50 -0.83 12.33
CA LYS A 249 -13.25 -1.42 12.80
C LYS A 249 -12.83 -2.55 11.86
N ASN A 250 -13.60 -3.63 11.85
CA ASN A 250 -13.39 -4.71 10.90
C ASN A 250 -13.76 -4.33 9.46
N TYR A 251 -12.80 -3.73 8.76
CA TYR A 251 -12.96 -3.38 7.34
C TYR A 251 -13.19 -4.61 6.47
N GLU A 252 -12.67 -5.77 6.91
CA GLU A 252 -12.78 -7.01 6.16
C GLU A 252 -14.25 -7.46 6.05
N LEU A 253 -14.92 -7.55 7.19
CA LEU A 253 -16.36 -7.84 7.24
C LEU A 253 -17.20 -6.82 6.47
N PHE A 254 -16.88 -5.53 6.65
CA PHE A 254 -17.61 -4.45 5.99
C PHE A 254 -17.57 -4.62 4.49
N LEU A 255 -16.37 -4.79 3.93
CA LEU A 255 -16.25 -4.82 2.48
C LEU A 255 -16.79 -6.12 1.91
N LYS A 256 -16.82 -7.20 2.70
CA LYS A 256 -17.42 -8.43 2.19
C LYS A 256 -18.93 -8.26 1.99
N LYS A 257 -19.60 -7.74 3.00
CA LYS A 257 -21.03 -7.51 2.91
C LYS A 257 -21.32 -6.54 1.75
N VAL A 258 -20.58 -5.44 1.69
CA VAL A 258 -20.81 -4.44 0.64
C VAL A 258 -20.57 -4.99 -0.77
N SER A 259 -19.58 -5.88 -0.93
CA SER A 259 -19.23 -6.42 -2.25
C SER A 259 -20.42 -7.18 -2.87
N THR A 260 -21.23 -7.80 -2.03
CA THR A 260 -22.39 -8.51 -2.52
C THR A 260 -23.46 -7.54 -3.07
N TRP A 261 -23.34 -6.24 -2.78
CA TRP A 261 -24.33 -5.27 -3.28
C TRP A 261 -23.84 -4.60 -4.58
N ILE A 262 -22.63 -4.93 -5.02
CA ILE A 262 -22.09 -4.34 -6.25
C ILE A 262 -22.62 -5.10 -7.45
N ALA A 263 -23.22 -4.38 -8.39
CA ALA A 263 -23.73 -4.98 -9.62
C ALA A 263 -22.58 -5.43 -10.50
N GLN A 264 -22.93 -6.22 -11.51
CA GLN A 264 -21.98 -6.63 -12.54
C GLN A 264 -21.38 -5.37 -13.20
N ASP A 265 -20.05 -5.27 -13.15
CA ASP A 265 -19.28 -4.11 -13.64
C ASP A 265 -19.51 -2.82 -12.84
N GLY A 266 -19.99 -2.94 -11.61
CA GLY A 266 -20.23 -1.79 -10.78
C GLY A 266 -19.01 -1.34 -10.02
N LEU A 267 -19.09 -0.23 -9.29
CA LEU A 267 -17.92 0.25 -8.56
C LEU A 267 -18.31 0.74 -7.20
N LEU A 268 -17.37 0.64 -6.25
CA LEU A 268 -17.52 1.16 -4.91
C LEU A 268 -16.49 2.27 -4.69
N PHE A 269 -16.95 3.40 -4.19
CA PHE A 269 -16.07 4.55 -3.94
C PHE A 269 -16.07 4.81 -2.45
N VAL A 270 -14.89 4.74 -1.84
CA VAL A 270 -14.71 4.92 -0.41
C VAL A 270 -13.82 6.15 -0.13
N GLU A 271 -14.22 7.00 0.80
CA GLU A 271 -13.29 8.02 1.26
C GLU A 271 -13.15 7.91 2.75
N HIS A 272 -11.93 7.99 3.26
CA HIS A 272 -11.75 7.97 4.69
C HIS A 272 -10.66 8.93 5.17
N HIS A 273 -10.93 9.58 6.30
CA HIS A 273 -9.88 10.30 7.01
C HIS A 273 -8.83 9.29 7.45
N CYS A 274 -7.56 9.69 7.48
CA CYS A 274 -6.49 8.75 7.84
C CYS A 274 -5.23 9.48 8.28
N HIS A 275 -4.28 8.73 8.83
CA HIS A 275 -2.94 9.25 8.87
C HIS A 275 -2.19 8.71 7.65
N LYS A 276 -1.28 9.50 7.12
CA LYS A 276 -0.53 9.10 5.92
C LYS A 276 0.15 7.71 6.02
N VAL A 277 0.76 7.40 7.16
CA VAL A 277 1.66 6.25 7.31
C VAL A 277 1.17 5.18 8.27
N PHE A 278 0.71 5.57 9.46
CA PHE A 278 0.37 4.54 10.45
C PHE A 278 -1.10 4.60 10.85
N ALA A 279 -1.60 3.52 11.45
CA ALA A 279 -2.97 3.42 11.93
C ALA A 279 -2.99 3.13 13.43
N TYR A 280 -4.08 3.48 14.12
CA TYR A 280 -4.13 3.27 15.56
C TYR A 280 -5.55 3.28 16.08
N GLN A 281 -5.76 2.64 17.22
CA GLN A 281 -6.99 2.82 17.97
C GLN A 281 -6.87 4.04 18.86
N TYR A 282 -7.98 4.73 19.15
CA TYR A 282 -7.93 5.86 20.06
C TYR A 282 -7.86 5.36 21.49
N GLU A 283 -6.65 5.07 21.94
CA GLU A 283 -6.34 4.83 23.35
C GLU A 283 -5.36 5.89 23.84
N PRO A 284 -5.58 6.40 25.06
CA PRO A 284 -4.77 7.49 25.62
C PRO A 284 -3.30 7.17 25.56
N LEU A 285 -2.46 8.14 25.19
CA LEU A 285 -1.02 7.92 25.07
C LEU A 285 -0.33 7.92 26.44
N ASP A 286 -0.95 8.59 27.41
CA ASP A 286 -0.42 8.65 28.77
C ASP A 286 -1.45 9.24 29.73
N GLU A 287 -1.05 9.39 30.99
CA GLU A 287 -1.91 9.87 32.06
C GLU A 287 -2.48 11.27 31.80
N ASP A 288 -1.85 12.04 30.91
CA ASP A 288 -2.25 13.43 30.67
C ASP A 288 -3.11 13.57 29.40
N ASP A 289 -3.40 12.43 28.78
CA ASP A 289 -4.23 12.36 27.57
C ASP A 289 -5.70 12.50 27.92
N TRP A 290 -6.21 13.71 27.76
CA TRP A 290 -7.61 14.00 28.01
C TRP A 290 -8.42 13.95 26.72
N TYR A 291 -7.76 14.24 25.60
CA TYR A 291 -8.40 14.29 24.29
C TYR A 291 -9.06 12.97 23.90
N THR A 292 -8.35 11.86 24.12
CA THR A 292 -8.83 10.56 23.67
C THR A 292 -10.11 10.13 24.35
N GLU A 293 -10.14 10.23 25.68
CA GLU A 293 -11.33 9.88 26.43
C GLU A 293 -12.46 10.89 26.22
N TYR A 294 -12.13 12.17 26.15
CA TYR A 294 -13.16 13.19 25.98
C TYR A 294 -13.84 13.11 24.63
N ILE A 295 -13.07 12.93 23.57
CA ILE A 295 -13.66 12.97 22.24
C ILE A 295 -14.10 11.58 21.78
N PHE A 296 -13.31 10.56 22.11
CA PHE A 296 -13.74 9.20 21.77
C PHE A 296 -13.90 8.36 23.03
N PRO A 297 -14.99 8.61 23.79
CA PRO A 297 -15.25 7.96 25.08
C PRO A 297 -15.04 6.46 24.98
N SER A 298 -15.74 5.83 24.04
CA SER A 298 -15.46 4.43 23.70
C SER A 298 -15.84 4.13 22.25
N GLY A 299 -16.29 2.91 22.02
CA GLY A 299 -16.51 2.43 20.67
C GLY A 299 -15.18 1.94 20.10
N THR A 300 -14.15 1.94 20.95
CA THR A 300 -12.76 1.62 20.59
C THR A 300 -12.42 1.96 19.13
N LEU A 301 -12.65 3.22 18.76
CA LEU A 301 -12.58 3.66 17.37
C LEU A 301 -11.17 3.63 16.79
N VAL A 302 -11.09 3.60 15.47
CA VAL A 302 -9.86 3.39 14.75
C VAL A 302 -9.55 4.56 13.80
N MET A 303 -8.33 5.07 13.83
CA MET A 303 -7.83 5.96 12.77
C MET A 303 -7.09 5.12 11.75
N SER A 304 -7.57 5.07 10.51
CA SER A 304 -6.94 4.31 9.46
C SER A 304 -5.63 4.96 8.99
N SER A 305 -4.85 4.21 8.20
CA SER A 305 -3.76 4.82 7.44
C SER A 305 -4.18 4.93 5.97
N SER A 306 -3.47 5.74 5.20
CA SER A 306 -3.85 5.98 3.80
C SER A 306 -3.80 4.70 2.97
N SER A 307 -2.90 3.78 3.32
CA SER A 307 -2.83 2.59 2.49
C SER A 307 -3.47 1.35 3.13
N ILE A 308 -4.13 1.48 4.28
CA ILE A 308 -4.58 0.27 4.99
C ILE A 308 -5.61 -0.52 4.18
N LEU A 309 -6.45 0.13 3.36
CA LEU A 309 -7.47 -0.64 2.65
C LEU A 309 -6.90 -1.48 1.52
N LEU A 310 -5.65 -1.21 1.14
CA LEU A 310 -4.96 -2.10 0.20
C LEU A 310 -4.85 -3.53 0.73
N TYR A 311 -4.86 -3.69 2.04
CA TYR A 311 -4.70 -5.02 2.66
C TYR A 311 -6.05 -5.69 2.88
N PHE A 312 -7.12 -5.10 2.32
CA PHE A 312 -8.46 -5.66 2.48
C PHE A 312 -9.09 -5.91 1.13
N GLN A 313 -8.34 -6.59 0.30
CA GLN A 313 -8.82 -6.88 -1.05
C GLN A 313 -9.17 -8.34 -1.31
N GLU A 314 -9.87 -8.99 -0.38
CA GLU A 314 -10.34 -10.36 -0.57
C GLU A 314 -11.61 -10.46 -1.43
N ASP A 315 -12.45 -9.43 -1.34
CA ASP A 315 -13.78 -9.44 -1.97
C ASP A 315 -13.98 -8.30 -2.98
N VAL A 316 -13.10 -7.31 -2.94
CA VAL A 316 -13.08 -6.20 -3.89
C VAL A 316 -11.63 -5.99 -4.34
N SER A 317 -11.43 -5.37 -5.51
CA SER A 317 -10.09 -5.09 -6.09
C SER A 317 -9.93 -3.60 -6.33
N VAL A 318 -8.79 -3.01 -5.99
CA VAL A 318 -8.60 -1.58 -6.16
C VAL A 318 -8.44 -1.22 -7.64
N VAL A 319 -9.21 -0.21 -8.04
CA VAL A 319 -9.16 0.35 -9.40
C VAL A 319 -8.31 1.60 -9.42
N ASN A 320 -8.42 2.41 -8.38
CA ASN A 320 -7.64 3.63 -8.29
C ASN A 320 -7.54 4.02 -6.83
N HIS A 321 -6.59 4.90 -6.55
CA HIS A 321 -6.36 5.30 -5.18
C HIS A 321 -5.76 6.71 -5.18
N TRP A 322 -6.40 7.65 -4.49
CA TRP A 322 -5.91 9.01 -4.40
C TRP A 322 -5.81 9.47 -2.97
N THR A 323 -4.97 10.47 -2.69
CA THR A 323 -5.13 11.16 -1.41
C THR A 323 -5.27 12.65 -1.62
N LEU A 324 -5.88 13.32 -0.64
CA LEU A 324 -5.94 14.79 -0.63
C LEU A 324 -5.33 15.27 0.68
N SER A 325 -4.62 16.39 0.66
CA SER A 325 -3.91 16.78 1.88
C SER A 325 -4.85 17.21 3.01
N GLY A 326 -4.32 17.21 4.23
CA GLY A 326 -5.08 17.57 5.42
C GLY A 326 -5.60 19.01 5.37
N LYS A 327 -5.02 19.84 4.52
CA LYS A 327 -5.49 21.22 4.46
C LYS A 327 -6.97 21.29 4.13
N HIS A 328 -7.44 20.38 3.27
CA HIS A 328 -8.87 20.33 2.94
C HIS A 328 -9.79 20.06 4.15
N PRO A 329 -9.64 18.90 4.86
CA PRO A 329 -10.50 18.77 6.06
C PRO A 329 -10.22 19.84 7.14
N SER A 330 -8.98 20.28 7.29
CA SER A 330 -8.67 21.32 8.26
C SER A 330 -9.51 22.56 8.01
N LEU A 331 -9.56 22.96 6.75
CA LEU A 331 -10.35 24.11 6.34
C LEU A 331 -11.83 23.89 6.66
N GLY A 332 -12.34 22.70 6.35
CA GLY A 332 -13.73 22.37 6.60
C GLY A 332 -14.12 22.50 8.07
N PHE A 333 -13.29 21.97 8.95
CA PHE A 333 -13.53 22.06 10.39
C PHE A 333 -13.55 23.52 10.87
N LYS A 334 -12.67 24.35 10.32
CA LYS A 334 -12.68 25.78 10.67
C LYS A 334 -13.96 26.49 10.24
N GLN A 335 -14.41 26.21 9.01
CA GLN A 335 -15.62 26.79 8.44
C GLN A 335 -16.88 26.38 9.21
N TRP A 336 -16.99 25.10 9.54
CA TRP A 336 -18.08 24.57 10.35
C TRP A 336 -18.17 25.27 11.71
N LEU A 337 -17.02 25.45 12.37
CA LEU A 337 -16.99 26.11 13.67
C LEU A 337 -17.39 27.57 13.54
N LYS A 338 -17.05 28.19 12.41
CA LYS A 338 -17.41 29.58 12.20
C LYS A 338 -18.92 29.72 12.05
N ARG A 339 -19.56 28.81 11.33
CA ARG A 339 -21.01 28.90 11.18
C ARG A 339 -21.71 28.57 12.49
N LEU A 340 -21.19 27.58 13.21
CA LEU A 340 -21.72 27.29 14.53
C LEU A 340 -21.66 28.54 15.41
N ASP A 341 -20.49 29.18 15.43
CA ASP A 341 -20.25 30.32 16.32
C ASP A 341 -21.03 31.56 15.86
N ASP A 342 -21.23 31.71 14.55
CA ASP A 342 -21.94 32.85 13.97
C ASP A 342 -23.43 32.83 14.27
N ASN A 343 -23.86 31.83 15.02
CA ASN A 343 -25.25 31.52 15.10
C ASN A 343 -25.52 30.83 16.43
N ILE A 344 -24.68 31.11 17.42
CA ILE A 344 -24.69 30.34 18.67
C ILE A 344 -25.96 30.54 19.47
N ASP A 345 -26.51 31.75 19.38
CA ASP A 345 -27.78 32.10 20.04
C ASP A 345 -28.89 31.13 19.68
N GLU A 346 -29.12 30.97 18.39
CA GLU A 346 -30.12 30.05 17.88
C GLU A 346 -29.78 28.61 18.25
N VAL A 347 -28.49 28.24 18.15
CA VAL A 347 -28.10 26.87 18.43
C VAL A 347 -28.32 26.54 19.91
N LYS A 348 -27.94 27.42 20.81
CA LYS A 348 -28.14 27.18 22.24
C LYS A 348 -29.64 27.02 22.53
N GLU A 349 -30.43 27.88 21.90
CA GLU A 349 -31.89 27.84 21.97
C GLU A 349 -32.37 26.46 21.61
N ILE A 350 -31.99 26.05 20.40
CA ILE A 350 -32.42 24.78 19.84
C ILE A 350 -32.02 23.62 20.75
N PHE A 351 -30.76 23.58 21.18
CA PHE A 351 -30.27 22.43 21.95
C PHE A 351 -30.83 22.40 23.38
N GLU A 352 -30.92 23.54 24.04
CA GLU A 352 -31.40 23.52 25.43
C GLU A 352 -32.92 23.27 25.52
N SER A 353 -33.68 23.74 24.54
CA SER A 353 -35.03 23.23 24.38
C SER A 353 -34.97 21.72 24.21
N PHE A 354 -34.31 21.30 23.15
CA PHE A 354 -34.26 19.89 22.73
C PHE A 354 -33.72 18.91 23.80
N TYR A 355 -32.85 19.39 24.68
CA TYR A 355 -32.22 18.50 25.66
C TYR A 355 -32.82 18.71 27.06
N GLY A 356 -33.75 19.66 27.15
CA GLY A 356 -34.48 19.90 28.37
C GLY A 356 -33.60 20.30 29.53
N SER A 357 -32.43 20.84 29.21
CA SER A 357 -31.46 21.21 30.22
C SER A 357 -30.46 22.17 29.60
N LYS A 358 -30.27 23.33 30.23
CA LYS A 358 -29.38 24.32 29.65
C LYS A 358 -27.94 23.82 29.62
N GLU A 359 -27.42 23.37 30.75
CA GLU A 359 -26.01 23.03 30.79
C GLU A 359 -25.74 21.73 30.03
N LYS A 360 -26.75 20.88 29.89
CA LYS A 360 -26.58 19.68 29.07
C LYS A 360 -26.41 20.11 27.61
N ALA A 361 -26.98 21.26 27.27
CA ALA A 361 -26.86 21.83 25.94
C ALA A 361 -25.53 22.55 25.74
N MET A 362 -25.00 23.13 26.81
CA MET A 362 -23.69 23.75 26.74
C MET A 362 -22.63 22.66 26.56
N LYS A 363 -22.96 21.46 27.02
CA LYS A 363 -22.01 20.36 27.01
C LYS A 363 -21.98 19.74 25.60
N PHE A 364 -23.13 19.61 24.91
CA PHE A 364 -23.05 19.13 23.53
C PHE A 364 -22.39 20.17 22.61
N ILE A 365 -22.62 21.44 22.87
CA ILE A 365 -22.04 22.50 22.06
C ILE A 365 -20.52 22.59 22.24
N THR A 366 -20.07 22.50 23.48
CA THR A 366 -18.65 22.49 23.81
C THR A 366 -17.96 21.34 23.08
N TYR A 367 -18.56 20.15 23.14
CA TYR A 367 -17.98 18.96 22.55
C TYR A 367 -17.66 19.15 21.05
N TRP A 368 -18.61 19.74 20.32
CA TRP A 368 -18.45 19.91 18.89
C TRP A 368 -17.55 21.09 18.54
N ARG A 369 -17.51 22.12 19.39
CA ARG A 369 -16.53 23.17 19.25
C ARG A 369 -15.09 22.61 19.41
N VAL A 370 -14.86 21.86 20.47
CA VAL A 370 -13.55 21.27 20.74
C VAL A 370 -13.16 20.27 19.64
N PHE A 371 -14.12 19.48 19.20
CA PHE A 371 -13.94 18.60 18.06
C PHE A 371 -13.38 19.35 16.85
N CYS A 372 -14.00 20.47 16.48
CA CYS A 372 -13.57 21.25 15.31
C CYS A 372 -12.22 21.93 15.53
N ILE A 373 -12.02 22.53 16.70
CA ILE A 373 -10.76 23.19 16.99
C ILE A 373 -9.60 22.18 17.00
N ALA A 374 -9.77 21.06 17.67
CA ALA A 374 -8.72 20.03 17.77
C ALA A 374 -8.40 19.41 16.42
N HIS A 375 -9.44 19.11 15.65
CA HIS A 375 -9.24 18.41 14.39
C HIS A 375 -8.80 19.36 13.27
N SER A 376 -9.24 20.61 13.32
CA SER A 376 -8.65 21.60 12.44
C SER A 376 -7.13 21.67 12.62
N GLN A 377 -6.70 21.74 13.88
CA GLN A 377 -5.30 21.74 14.21
C GLN A 377 -4.60 20.44 13.79
N MET A 378 -5.21 19.29 14.07
CA MET A 378 -4.62 18.01 13.72
C MET A 378 -4.38 17.86 12.22
N TYR A 379 -5.37 18.20 11.40
CA TYR A 379 -5.23 18.01 9.96
C TYR A 379 -4.28 19.05 9.33
N SER A 380 -4.11 20.20 9.98
CA SER A 380 -3.19 21.25 9.46
C SER A 380 -1.72 20.81 9.60
N THR A 381 -1.46 19.89 10.51
CA THR A 381 -0.11 19.54 10.96
C THR A 381 0.85 19.32 9.80
N ASN A 382 2.05 19.92 9.90
CA ASN A 382 3.09 19.82 8.86
C ASN A 382 2.52 20.06 7.44
N ASN A 383 1.79 21.17 7.28
CA ASN A 383 1.28 21.60 5.99
C ASN A 383 0.32 20.59 5.37
N GLY A 384 -0.40 19.85 6.21
CA GLY A 384 -1.38 18.90 5.73
C GLY A 384 -0.82 17.56 5.31
N GLU A 385 0.44 17.31 5.62
CA GLU A 385 1.07 16.10 5.11
C GLU A 385 1.18 14.97 6.16
N GLU A 386 0.42 15.07 7.24
CA GLU A 386 0.37 13.98 8.24
C GLU A 386 -0.98 13.30 8.18
N TRP A 387 -2.01 13.96 8.71
CA TRP A 387 -3.39 13.48 8.59
C TRP A 387 -4.02 14.05 7.36
N MET A 388 -4.84 13.27 6.66
CA MET A 388 -5.31 13.64 5.34
C MET A 388 -6.52 12.82 4.92
N LEU A 389 -6.87 12.88 3.65
CA LEU A 389 -7.97 12.08 3.11
C LEU A 389 -7.48 11.04 2.13
N SER A 390 -8.00 9.83 2.22
CA SER A 390 -7.72 8.83 1.22
C SER A 390 -8.99 8.44 0.48
N GLN A 391 -8.90 8.29 -0.83
CA GLN A 391 -10.04 7.84 -1.63
C GLN A 391 -9.66 6.59 -2.37
N VAL A 392 -10.53 5.58 -2.34
CA VAL A 392 -10.25 4.31 -2.99
C VAL A 392 -11.45 3.90 -3.84
N LEU A 393 -11.19 3.59 -5.11
CA LEU A 393 -12.22 3.06 -6.00
C LEU A 393 -12.03 1.57 -6.14
N PHE A 394 -13.09 0.80 -5.88
CA PHE A 394 -13.05 -0.65 -5.90
C PHE A 394 -14.02 -1.21 -6.96
N LYS A 395 -13.64 -2.33 -7.54
CA LYS A 395 -14.53 -3.12 -8.38
C LYS A 395 -14.71 -4.45 -7.65
N LYS A 396 -15.68 -5.26 -8.07
CA LYS A 396 -15.97 -6.54 -7.43
C LYS A 396 -14.85 -7.53 -7.76
N LYS A 397 -14.59 -8.48 -6.89
CA LYS A 397 -13.62 -9.52 -7.22
C LYS A 397 -14.16 -10.54 -8.23
N ALA B 51 28.33 10.44 -26.55
CA ALA B 51 29.27 9.33 -26.76
C ALA B 51 30.03 9.02 -25.48
N VAL B 52 29.28 8.82 -24.40
CA VAL B 52 29.83 8.54 -23.06
C VAL B 52 30.58 7.21 -23.03
N ALA B 53 30.57 6.51 -24.16
CA ALA B 53 30.98 5.11 -24.23
C ALA B 53 32.48 4.85 -24.06
N ASN B 54 33.25 5.88 -23.67
CA ASN B 54 34.69 5.74 -23.52
C ASN B 54 35.12 5.37 -22.09
N LEU B 55 34.40 5.93 -21.12
CA LEU B 55 34.63 5.67 -19.69
C LEU B 55 34.75 4.18 -19.36
N ILE B 56 34.06 3.36 -20.14
CA ILE B 56 33.93 1.95 -19.82
C ILE B 56 35.28 1.21 -19.88
N LYS B 57 35.92 1.15 -21.07
CA LYS B 57 37.17 0.40 -21.22
C LYS B 57 38.25 0.97 -20.28
N ARG B 58 38.06 2.21 -19.81
CA ARG B 58 38.93 2.78 -18.81
C ARG B 58 38.74 2.09 -17.45
N ILE B 59 37.48 2.00 -17.01
CA ILE B 59 37.12 1.10 -15.89
C ILE B 59 37.65 -0.28 -16.19
N GLU B 60 37.39 -0.65 -17.43
CA GLU B 60 37.76 -1.98 -17.92
C GLU B 60 39.28 -2.24 -18.06
N HIS B 61 40.15 -1.27 -18.37
CA HIS B 61 41.53 -1.67 -18.15
C HIS B 61 41.96 -1.40 -16.74
N GLY B 62 41.02 -1.00 -15.90
CA GLY B 62 41.37 -0.82 -14.51
C GLY B 62 41.88 0.58 -14.20
N GLU B 63 41.77 1.50 -15.14
CA GLU B 63 42.20 2.89 -14.89
C GLU B 63 41.21 3.63 -13.98
N VAL B 64 40.02 3.08 -13.81
CA VAL B 64 39.05 3.66 -12.88
C VAL B 64 38.93 2.75 -11.67
N SER B 65 39.21 3.29 -10.49
CA SER B 65 39.15 2.54 -9.26
C SER B 65 37.73 2.26 -8.75
N ASP B 66 37.59 1.18 -7.99
CA ASP B 66 36.35 0.85 -7.30
C ASP B 66 35.81 2.07 -6.57
N GLU B 67 36.72 2.79 -5.91
CA GLU B 67 36.38 3.99 -5.16
C GLU B 67 35.75 5.06 -6.05
N GLU B 68 36.31 5.25 -7.25
CA GLU B 68 35.76 6.19 -8.22
C GLU B 68 34.37 5.73 -8.69
N ILE B 69 34.21 4.43 -8.87
CA ILE B 69 32.93 3.89 -9.31
C ILE B 69 31.84 4.12 -8.24
N ARG B 70 32.19 3.96 -6.97
CA ARG B 70 31.26 4.24 -5.88
C ARG B 70 30.88 5.72 -5.86
N GLY B 71 31.89 6.57 -6.04
CA GLY B 71 31.68 8.00 -6.16
C GLY B 71 30.75 8.33 -7.28
N MET B 72 30.94 7.69 -8.44
CA MET B 72 30.03 7.91 -9.55
C MET B 72 28.58 7.48 -9.24
N MET B 73 28.43 6.33 -8.58
CA MET B 73 27.12 5.80 -8.23
C MET B 73 26.41 6.67 -7.19
N LYS B 74 27.18 7.26 -6.27
CA LYS B 74 26.63 8.19 -5.29
C LYS B 74 25.87 9.30 -6.01
N ILE B 75 26.46 9.80 -7.09
CA ILE B 75 25.86 10.86 -7.88
C ILE B 75 24.61 10.36 -8.58
N GLN B 76 24.70 9.15 -9.14
CA GLN B 76 23.57 8.56 -9.83
C GLN B 76 22.40 8.37 -8.86
N VAL B 77 22.71 7.97 -7.63
CA VAL B 77 21.69 7.69 -6.61
C VAL B 77 20.95 8.98 -6.26
N GLN B 78 21.70 10.05 -5.99
CA GLN B 78 21.12 11.36 -5.68
C GLN B 78 20.21 11.86 -6.80
N LYS B 79 20.62 11.61 -8.04
CA LYS B 79 19.83 11.99 -9.19
C LYS B 79 18.54 11.18 -9.32
N ARG B 80 18.61 9.87 -9.06
CA ARG B 80 17.42 9.05 -9.11
C ARG B 80 16.44 9.39 -7.98
N LEU B 81 16.96 9.63 -6.78
CA LEU B 81 16.11 9.94 -5.65
C LEU B 81 15.38 11.27 -5.91
N LYS B 82 16.08 12.24 -6.48
CA LYS B 82 15.47 13.56 -6.70
C LYS B 82 14.42 13.45 -7.81
N TRP B 83 14.71 12.62 -8.80
CA TRP B 83 13.75 12.34 -9.86
C TRP B 83 12.44 11.75 -9.27
N GLY B 84 12.56 10.79 -8.36
CA GLY B 84 11.41 10.07 -7.88
C GLY B 84 10.57 10.71 -6.77
N TYR B 85 11.19 11.45 -5.87
CA TYR B 85 10.48 11.98 -4.73
C TYR B 85 9.66 13.19 -5.17
N LYS B 86 8.50 13.32 -4.55
CA LYS B 86 7.57 14.41 -4.83
C LYS B 86 7.28 15.20 -3.56
N PRO B 87 6.97 16.49 -3.69
CA PRO B 87 6.76 17.36 -2.52
C PRO B 87 5.51 17.00 -1.70
N THR B 88 4.53 16.33 -2.29
CA THR B 88 3.30 16.01 -1.56
C THR B 88 2.96 14.52 -1.68
N HIS B 89 2.22 13.99 -0.70
CA HIS B 89 1.80 12.60 -0.78
C HIS B 89 0.82 12.41 -1.92
N GLU B 90 0.00 13.43 -2.20
CA GLU B 90 -0.96 13.33 -3.30
C GLU B 90 -0.20 13.05 -4.60
N GLN B 91 0.88 13.77 -4.82
CA GLN B 91 1.65 13.58 -6.06
C GLN B 91 2.43 12.24 -6.05
N GLN B 92 2.95 11.88 -4.89
CA GLN B 92 3.79 10.67 -4.77
C GLN B 92 2.94 9.46 -5.08
N LEU B 93 1.70 9.43 -4.57
CA LEU B 93 0.80 8.31 -4.79
C LEU B 93 0.30 8.27 -6.23
N ALA B 94 -0.09 9.42 -6.76
CA ALA B 94 -0.50 9.47 -8.16
C ALA B 94 0.57 8.90 -9.08
N GLN B 95 1.81 9.24 -8.81
CA GLN B 95 2.93 8.73 -9.61
C GLN B 95 3.00 7.19 -9.58
N LEU B 96 2.77 6.62 -8.40
CA LEU B 96 2.82 5.17 -8.25
C LEU B 96 1.64 4.49 -8.95
N VAL B 97 0.43 5.04 -8.80
CA VAL B 97 -0.73 4.38 -9.40
C VAL B 97 -0.66 4.48 -10.91
N THR B 98 -0.19 5.62 -11.41
CA THR B 98 0.00 5.83 -12.85
C THR B 98 1.03 4.83 -13.40
N PHE B 99 2.13 4.65 -12.68
CA PHE B 99 3.13 3.66 -13.09
C PHE B 99 2.55 2.24 -13.09
N ALA B 100 1.84 1.85 -12.03
CA ALA B 100 1.22 0.53 -12.00
C ALA B 100 0.26 0.28 -13.17
N GLN B 101 -0.53 1.29 -13.50
CA GLN B 101 -1.45 1.18 -14.64
C GLN B 101 -0.68 0.99 -15.94
N SER B 102 0.41 1.73 -16.12
CA SER B 102 1.25 1.51 -17.32
C SER B 102 1.79 0.06 -17.45
N LEU B 103 2.16 -0.59 -16.34
CA LEU B 103 2.62 -1.98 -16.41
C LEU B 103 1.57 -2.90 -17.01
N LYS B 104 0.28 -2.62 -16.74
CA LYS B 104 -0.80 -3.39 -17.32
C LYS B 104 -0.88 -3.27 -18.85
N GLY B 105 -0.21 -2.26 -19.41
CA GLY B 105 -0.14 -2.13 -20.86
C GLY B 105 1.08 -2.84 -21.47
N MET B 106 1.84 -3.55 -20.65
CA MET B 106 3.08 -4.19 -21.14
C MET B 106 2.97 -5.68 -21.27
N GLU B 107 4.00 -6.26 -21.88
CA GLU B 107 4.15 -7.70 -21.97
C GLU B 107 4.49 -8.22 -20.57
N MET B 108 4.14 -9.46 -20.26
CA MET B 108 4.55 -10.04 -18.96
C MET B 108 6.07 -9.87 -18.72
N ALA B 109 6.88 -10.19 -19.72
CA ALA B 109 8.34 -10.17 -19.58
C ALA B 109 9.04 -10.01 -20.95
N GLU B 110 10.32 -9.66 -20.94
CA GLU B 110 11.08 -9.70 -22.20
C GLU B 110 11.35 -11.13 -22.64
N ILE B 122 26.06 -19.90 -18.67
CA ILE B 122 27.13 -19.75 -17.68
C ILE B 122 27.91 -21.05 -17.45
N PRO B 123 29.24 -20.96 -17.51
CA PRO B 123 30.09 -22.14 -17.30
C PRO B 123 29.98 -22.75 -15.88
N LEU B 124 29.93 -24.07 -15.81
CA LEU B 124 29.78 -24.76 -14.55
C LEU B 124 30.97 -24.71 -13.64
N PRO B 125 32.18 -24.56 -14.14
CA PRO B 125 33.23 -24.30 -13.17
C PRO B 125 33.02 -22.95 -12.45
N PHE B 126 32.28 -22.02 -13.04
CA PHE B 126 32.02 -20.73 -12.39
C PHE B 126 31.05 -20.94 -11.22
N LEU B 127 30.01 -21.73 -11.45
CA LEU B 127 29.03 -22.02 -10.42
C LEU B 127 29.65 -22.79 -9.27
N HIS B 128 30.71 -23.55 -9.57
CA HIS B 128 31.37 -24.35 -8.54
C HIS B 128 32.23 -23.45 -7.64
N ILE B 129 33.11 -22.65 -8.26
CA ILE B 129 33.86 -21.62 -7.54
C ILE B 129 32.95 -20.75 -6.66
N MET B 130 31.98 -20.11 -7.29
CA MET B 130 31.01 -19.29 -6.58
C MET B 130 29.97 -20.20 -5.91
N CYS B 131 28.90 -19.64 -5.36
CA CYS B 131 27.83 -20.44 -4.75
C CYS B 131 28.35 -21.31 -3.61
N ASP B 150 27.94 -16.13 3.81
CA ASP B 150 27.48 -17.38 3.18
C ASP B 150 26.47 -18.14 4.04
N GLU B 151 26.52 -17.95 5.35
CA GLU B 151 25.42 -18.44 6.16
C GLU B 151 24.43 -17.32 6.41
N SER B 152 24.70 -16.16 5.79
CA SER B 152 23.69 -15.12 5.67
C SER B 152 22.72 -15.57 4.58
N GLU B 153 23.23 -16.35 3.62
CA GLU B 153 22.39 -16.97 2.62
C GLU B 153 21.47 -17.99 3.30
N VAL B 154 22.01 -18.70 4.27
CA VAL B 154 21.27 -19.69 5.02
C VAL B 154 20.18 -19.04 5.86
N TYR B 155 20.53 -17.94 6.53
CA TYR B 155 19.59 -17.22 7.37
C TYR B 155 18.37 -16.82 6.56
N MET B 156 18.62 -16.18 5.43
CA MET B 156 17.58 -15.70 4.54
C MET B 156 16.68 -16.84 4.04
N MET B 157 17.28 -17.99 3.75
CA MET B 157 16.52 -19.08 3.16
C MET B 157 15.65 -19.75 4.24
N ASP B 158 16.10 -19.75 5.49
CA ASP B 158 15.25 -20.19 6.61
C ASP B 158 14.11 -19.19 6.81
N LEU B 159 14.44 -17.92 6.69
CA LEU B 159 13.44 -16.86 6.78
C LEU B 159 12.39 -17.07 5.69
N TYR B 160 12.80 -17.39 4.47
CA TYR B 160 11.81 -17.71 3.42
C TYR B 160 10.88 -18.86 3.85
N CYS B 161 11.43 -19.93 4.40
CA CYS B 161 10.64 -21.12 4.72
C CYS B 161 9.64 -20.83 5.83
N GLU B 162 10.08 -20.04 6.80
CA GLU B 162 9.21 -19.66 7.90
C GLU B 162 8.08 -18.71 7.41
N ARG B 163 8.41 -17.72 6.60
CA ARG B 163 7.37 -16.76 6.18
C ARG B 163 6.42 -17.36 5.14
N ALA B 164 6.92 -18.33 4.35
CA ALA B 164 6.08 -19.10 3.43
C ALA B 164 5.32 -20.24 4.12
N GLN B 165 5.50 -20.37 5.43
CA GLN B 165 4.84 -21.42 6.23
C GLN B 165 4.99 -22.82 5.60
N ILE B 166 6.21 -23.14 5.21
CA ILE B 166 6.52 -24.46 4.65
C ILE B 166 6.27 -25.51 5.74
N LYS B 167 5.56 -26.58 5.39
CA LYS B 167 5.46 -27.75 6.27
C LYS B 167 5.84 -29.02 5.50
N ASP B 168 6.45 -29.96 6.21
CA ASP B 168 6.87 -31.24 5.65
C ASP B 168 5.70 -31.96 5.02
N GLY B 169 5.86 -32.50 3.82
CA GLY B 169 4.73 -33.11 3.12
C GLY B 169 4.14 -32.30 1.96
N GLN B 170 4.35 -31.00 1.96
CA GLN B 170 3.77 -30.17 0.89
C GLN B 170 4.47 -30.36 -0.44
N SER B 171 3.73 -30.11 -1.52
CA SER B 171 4.29 -29.99 -2.86
C SER B 171 4.74 -28.54 -3.06
N ILE B 172 5.94 -28.38 -3.60
CA ILE B 172 6.57 -27.09 -3.68
C ILE B 172 7.01 -26.80 -5.11
N LEU B 173 6.67 -25.60 -5.58
CA LEU B 173 7.09 -25.11 -6.89
C LEU B 173 8.04 -23.91 -6.70
N ASP B 174 9.25 -24.05 -7.22
CA ASP B 174 10.24 -22.99 -7.21
C ASP B 174 10.39 -22.37 -8.62
N LEU B 175 9.86 -21.15 -8.77
CA LEU B 175 9.88 -20.44 -10.06
C LEU B 175 11.17 -19.68 -10.26
N GLY B 176 11.85 -19.94 -11.37
CA GLY B 176 13.20 -19.41 -11.58
C GLY B 176 14.17 -19.82 -10.48
N CYS B 177 14.36 -21.13 -10.29
CA CYS B 177 15.16 -21.64 -9.18
C CYS B 177 16.65 -21.31 -9.27
N GLY B 178 17.11 -20.90 -10.45
CA GLY B 178 18.50 -20.47 -10.62
C GLY B 178 19.56 -21.49 -10.21
N HIS B 179 20.40 -21.12 -9.25
CA HIS B 179 21.47 -22.00 -8.75
C HIS B 179 20.88 -23.05 -7.84
N GLY B 180 19.56 -22.98 -7.66
CA GLY B 180 18.81 -24.00 -6.94
C GLY B 180 19.04 -23.88 -5.46
N SER B 181 19.64 -22.76 -5.08
CA SER B 181 20.03 -22.54 -3.70
C SER B 181 18.85 -22.76 -2.76
N LEU B 182 17.71 -22.18 -3.12
CA LEU B 182 16.49 -22.36 -2.36
C LEU B 182 15.90 -23.76 -2.54
N THR B 183 15.89 -24.26 -3.78
CA THR B 183 15.31 -25.57 -4.06
C THR B 183 16.01 -26.69 -3.25
N LEU B 184 17.34 -26.68 -3.28
CA LEU B 184 18.15 -27.65 -2.55
C LEU B 184 17.98 -27.54 -1.04
N HIS B 185 17.94 -26.30 -0.55
CA HIS B 185 17.77 -26.05 0.87
C HIS B 185 16.43 -26.61 1.37
N VAL B 186 15.36 -26.41 0.62
CA VAL B 186 14.05 -26.87 1.07
C VAL B 186 13.97 -28.39 1.04
N ALA B 187 14.43 -28.95 -0.07
CA ALA B 187 14.47 -30.39 -0.27
C ALA B 187 15.20 -31.15 0.88
N GLN B 188 16.30 -30.58 1.38
CA GLN B 188 17.05 -31.24 2.44
C GLN B 188 16.39 -31.00 3.81
N LYS B 189 15.86 -29.81 4.04
CA LYS B 189 15.25 -29.51 5.32
C LYS B 189 13.93 -30.28 5.48
N TYR B 190 13.20 -30.42 4.38
CA TYR B 190 11.88 -31.05 4.40
C TYR B 190 11.85 -32.23 3.47
N ARG B 191 12.32 -33.38 3.96
CA ARG B 191 12.52 -34.55 3.13
C ARG B 191 11.21 -35.19 2.65
N GLY B 192 10.10 -34.89 3.34
CA GLY B 192 8.80 -35.38 2.91
C GLY B 192 8.16 -34.52 1.83
N CYS B 193 8.72 -33.33 1.57
CA CYS B 193 8.22 -32.45 0.50
C CYS B 193 8.66 -32.91 -0.89
N LYS B 194 7.82 -32.66 -1.89
CA LYS B 194 8.23 -32.81 -3.27
C LYS B 194 8.50 -31.41 -3.82
N VAL B 195 9.73 -31.18 -4.25
CA VAL B 195 10.17 -29.86 -4.68
C VAL B 195 10.44 -29.83 -6.17
N THR B 196 9.67 -29.02 -6.88
CA THR B 196 9.83 -28.86 -8.32
C THR B 196 10.40 -27.50 -8.65
N GLY B 197 11.49 -27.49 -9.42
CA GLY B 197 12.16 -26.25 -9.78
C GLY B 197 11.98 -25.98 -11.26
N ILE B 198 11.92 -24.70 -11.62
CA ILE B 198 11.80 -24.34 -13.03
C ILE B 198 12.91 -23.37 -13.33
N THR B 199 13.68 -23.66 -14.36
CA THR B 199 14.82 -22.82 -14.68
C THR B 199 14.94 -22.51 -16.16
N ASN B 200 15.65 -21.42 -16.42
CA ASN B 200 15.90 -20.88 -17.74
C ASN B 200 16.98 -21.66 -18.49
N SER B 201 17.88 -22.27 -17.72
CA SER B 201 19.22 -22.59 -18.18
C SER B 201 19.63 -24.05 -18.02
N VAL B 202 20.43 -24.53 -18.97
CA VAL B 202 21.00 -25.89 -18.92
C VAL B 202 22.00 -26.02 -17.79
N SER B 203 22.91 -25.05 -17.72
CA SER B 203 23.99 -25.08 -16.74
C SER B 203 23.49 -25.14 -15.30
N GLN B 204 22.42 -24.42 -15.02
CA GLN B 204 21.90 -24.37 -13.67
C GLN B 204 21.18 -25.66 -13.32
N LYS B 205 20.35 -26.16 -14.24
CA LYS B 205 19.69 -27.44 -14.05
C LYS B 205 20.73 -28.54 -13.76
N GLU B 206 21.81 -28.49 -14.53
CA GLU B 206 22.95 -29.36 -14.34
C GLU B 206 23.56 -29.23 -12.94
N PHE B 207 23.90 -28.01 -12.50
CA PHE B 207 24.48 -27.80 -11.17
C PHE B 207 23.60 -28.34 -10.03
N ILE B 208 22.30 -28.10 -10.11
CA ILE B 208 21.33 -28.57 -9.11
C ILE B 208 21.18 -30.09 -9.05
N MET B 209 20.85 -30.70 -10.18
CA MET B 209 20.52 -32.11 -10.20
C MET B 209 21.77 -32.96 -9.92
N ASP B 210 22.94 -32.35 -10.11
CA ASP B 210 24.19 -32.92 -9.63
C ASP B 210 24.60 -32.41 -8.27
N GLN B 211 23.81 -31.55 -7.65
CA GLN B 211 23.96 -31.31 -6.22
C GLN B 211 23.11 -32.36 -5.51
N CYS B 212 22.04 -32.78 -6.19
CA CYS B 212 21.12 -33.77 -5.66
C CYS B 212 21.81 -35.11 -5.48
N LYS B 213 22.71 -35.45 -6.40
CA LYS B 213 23.39 -36.72 -6.36
C LYS B 213 24.36 -36.82 -5.20
N LYS B 214 24.89 -35.70 -4.72
CA LYS B 214 25.90 -35.75 -3.65
C LYS B 214 25.27 -35.71 -2.26
N LEU B 215 24.04 -35.24 -2.19
CA LEU B 215 23.28 -35.25 -0.95
C LEU B 215 22.29 -36.42 -0.96
N ASP B 216 22.27 -37.13 -2.08
CA ASP B 216 21.33 -38.21 -2.35
C ASP B 216 19.90 -37.76 -2.13
N LEU B 217 19.54 -36.71 -2.86
CA LEU B 217 18.19 -36.17 -2.84
C LEU B 217 17.35 -36.81 -3.91
N SER B 218 16.29 -37.47 -3.50
CA SER B 218 15.32 -38.08 -4.39
C SER B 218 14.12 -37.16 -4.42
N ASN B 219 14.35 -35.95 -3.91
CA ASN B 219 13.33 -35.02 -3.48
C ASN B 219 12.94 -33.93 -4.50
N VAL B 220 13.70 -33.91 -5.58
CA VAL B 220 13.78 -32.78 -6.47
C VAL B 220 13.58 -33.15 -7.93
N GLU B 221 12.72 -32.39 -8.59
CA GLU B 221 12.65 -32.44 -10.04
C GLU B 221 12.83 -31.05 -10.64
N ILE B 222 13.71 -30.95 -11.63
CA ILE B 222 13.96 -29.69 -12.33
C ILE B 222 13.44 -29.71 -13.76
N ILE B 223 12.51 -28.81 -14.07
CA ILE B 223 11.97 -28.67 -15.43
C ILE B 223 12.63 -27.51 -16.16
N LEU B 224 13.28 -27.81 -17.29
CA LEU B 224 13.94 -26.78 -18.09
C LEU B 224 12.90 -26.04 -18.93
N GLU B 225 12.54 -24.83 -18.54
CA GLU B 225 11.53 -24.11 -19.28
C GLU B 225 11.42 -22.64 -18.90
N ASP B 226 10.86 -21.88 -19.85
CA ASP B 226 10.49 -20.49 -19.72
C ASP B 226 9.26 -20.37 -18.82
N VAL B 227 9.40 -19.69 -17.69
CA VAL B 227 8.32 -19.55 -16.74
C VAL B 227 7.10 -18.83 -17.32
N THR B 228 7.34 -17.92 -18.26
CA THR B 228 6.26 -17.16 -18.90
C THR B 228 5.52 -17.99 -19.94
N LYS B 229 6.04 -19.18 -20.23
CA LYS B 229 5.48 -20.06 -21.26
C LYS B 229 4.97 -21.38 -20.68
N PHE B 230 5.46 -21.72 -19.48
CA PHE B 230 5.09 -22.93 -18.76
C PHE B 230 3.63 -22.94 -18.30
N GLU B 231 2.98 -24.10 -18.34
CA GLU B 231 1.73 -24.31 -17.58
C GLU B 231 1.35 -25.80 -17.45
N THR B 232 0.58 -26.13 -16.41
CA THR B 232 0.36 -27.51 -16.04
C THR B 232 -1.01 -27.72 -15.41
N GLU B 233 -1.51 -28.94 -15.49
CA GLU B 233 -2.68 -29.35 -14.73
C GLU B 233 -2.37 -29.43 -13.24
N ILE B 234 -1.08 -29.39 -12.88
CA ILE B 234 -0.67 -29.64 -11.50
C ILE B 234 -0.76 -28.36 -10.68
N THR B 235 -1.27 -28.49 -9.45
CA THR B 235 -1.22 -27.39 -8.50
C THR B 235 -0.34 -27.73 -7.29
N TYR B 236 0.15 -26.69 -6.63
CA TYR B 236 1.18 -26.81 -5.62
C TYR B 236 0.73 -26.09 -4.35
N ASP B 237 1.10 -26.65 -3.20
CA ASP B 237 0.71 -26.10 -1.90
C ASP B 237 1.43 -24.78 -1.62
N ARG B 238 2.64 -24.70 -2.15
CA ARG B 238 3.57 -23.60 -1.93
C ARG B 238 4.31 -23.26 -3.22
N ILE B 239 4.29 -21.99 -3.59
CA ILE B 239 5.05 -21.52 -4.73
C ILE B 239 5.99 -20.39 -4.29
N PHE B 240 7.28 -20.54 -4.62
CA PHE B 240 8.26 -19.51 -4.37
C PHE B 240 8.52 -18.75 -5.64
N ALA B 241 8.68 -17.44 -5.52
CA ALA B 241 9.03 -16.57 -6.64
C ALA B 241 10.00 -15.51 -6.14
N VAL B 242 11.26 -15.92 -6.06
CA VAL B 242 12.30 -15.10 -5.49
C VAL B 242 13.24 -14.69 -6.63
N ALA B 243 13.56 -13.39 -6.68
CA ALA B 243 14.41 -12.85 -7.75
C ALA B 243 13.83 -13.10 -9.16
N LEU B 244 12.51 -13.07 -9.28
CA LEU B 244 11.87 -13.34 -10.55
C LEU B 244 11.08 -12.11 -11.06
N ILE B 245 10.46 -11.38 -10.14
CA ILE B 245 9.69 -10.15 -10.42
C ILE B 245 10.54 -9.10 -11.13
N GLU B 246 11.81 -9.02 -10.72
CA GLU B 246 12.82 -8.19 -11.36
C GLU B 246 12.90 -8.34 -12.90
N HIS B 247 12.46 -9.48 -13.44
CA HIS B 247 12.48 -9.70 -14.89
C HIS B 247 11.10 -9.51 -15.51
N MET B 248 10.13 -9.18 -14.68
CA MET B 248 8.76 -9.06 -15.16
C MET B 248 8.40 -7.59 -15.33
N LYS B 249 7.38 -7.34 -16.14
CA LYS B 249 6.88 -5.99 -16.30
C LYS B 249 5.39 -5.96 -16.00
N ASN B 250 4.60 -6.71 -16.75
CA ASN B 250 3.17 -6.75 -16.49
C ASN B 250 2.93 -7.74 -15.37
N TYR B 251 2.99 -7.22 -14.15
CA TYR B 251 2.76 -8.01 -12.94
C TYR B 251 1.37 -8.63 -12.91
N GLU B 252 0.40 -7.97 -13.53
CA GLU B 252 -0.94 -8.52 -13.55
C GLU B 252 -1.02 -9.86 -14.33
N LEU B 253 -0.38 -9.91 -15.49
CA LEU B 253 -0.36 -11.14 -16.27
C LEU B 253 0.43 -12.23 -15.54
N PHE B 254 1.53 -11.84 -14.91
CA PHE B 254 2.36 -12.76 -14.12
C PHE B 254 1.55 -13.38 -12.99
N LEU B 255 0.92 -12.55 -12.16
CA LEU B 255 0.24 -13.10 -10.99
C LEU B 255 -1.02 -13.87 -11.39
N LYS B 256 -1.64 -13.51 -12.51
CA LYS B 256 -2.83 -14.25 -12.97
C LYS B 256 -2.47 -15.68 -13.40
N LYS B 257 -1.44 -15.81 -14.21
CA LYS B 257 -0.89 -17.11 -14.60
C LYS B 257 -0.48 -17.95 -13.37
N VAL B 258 0.39 -17.40 -12.50
CA VAL B 258 0.85 -18.13 -11.32
C VAL B 258 -0.31 -18.56 -10.40
N SER B 259 -1.35 -17.74 -10.33
CA SER B 259 -2.49 -18.00 -9.48
C SER B 259 -3.15 -19.34 -9.83
N THR B 260 -3.10 -19.70 -11.10
CA THR B 260 -3.72 -20.94 -11.55
C THR B 260 -2.97 -22.19 -10.98
N TRP B 261 -1.70 -22.02 -10.60
CA TRP B 261 -0.90 -23.16 -10.13
C TRP B 261 -1.04 -23.37 -8.64
N ILE B 262 -1.76 -22.50 -7.95
CA ILE B 262 -1.83 -22.58 -6.50
C ILE B 262 -2.90 -23.60 -6.09
N ALA B 263 -2.52 -24.58 -5.25
CA ALA B 263 -3.50 -25.55 -4.74
C ALA B 263 -4.55 -24.89 -3.81
N GLN B 264 -5.59 -25.65 -3.47
CA GLN B 264 -6.57 -25.23 -2.47
C GLN B 264 -5.88 -24.94 -1.15
N ASP B 265 -6.09 -23.73 -0.64
CA ASP B 265 -5.42 -23.23 0.56
C ASP B 265 -3.89 -23.17 0.41
N GLY B 266 -3.42 -23.10 -0.83
CA GLY B 266 -2.00 -22.93 -1.09
C GLY B 266 -1.58 -21.48 -0.90
N LEU B 267 -0.25 -21.25 -0.88
CA LEU B 267 0.32 -19.92 -0.70
C LEU B 267 1.45 -19.62 -1.71
N LEU B 268 1.52 -18.35 -2.13
CA LEU B 268 2.59 -17.88 -3.01
C LEU B 268 3.49 -16.87 -2.27
N PHE B 269 4.79 -17.13 -2.24
CA PHE B 269 5.76 -16.23 -1.60
C PHE B 269 6.62 -15.53 -2.66
N VAL B 270 6.59 -14.20 -2.67
CA VAL B 270 7.32 -13.39 -3.63
C VAL B 270 8.33 -12.53 -2.90
N GLU B 271 9.57 -12.46 -3.39
CA GLU B 271 10.50 -11.46 -2.90
C GLU B 271 10.97 -10.55 -4.04
N HIS B 272 10.99 -9.24 -3.82
CA HIS B 272 11.48 -8.36 -4.88
C HIS B 272 12.29 -7.20 -4.35
N HIS B 273 13.45 -6.97 -4.98
CA HIS B 273 14.20 -5.75 -4.80
C HIS B 273 13.30 -4.58 -5.23
N CYS B 274 13.41 -3.45 -4.55
CA CYS B 274 12.52 -2.29 -4.79
C CYS B 274 13.13 -1.03 -4.25
N HIS B 275 12.56 0.12 -4.63
CA HIS B 275 12.71 1.31 -3.83
C HIS B 275 11.53 1.37 -2.85
N LYS B 276 11.78 1.92 -1.68
CA LYS B 276 10.77 2.01 -0.63
C LYS B 276 9.48 2.67 -1.09
N VAL B 277 9.61 3.70 -1.94
CA VAL B 277 8.49 4.63 -2.22
C VAL B 277 8.05 4.68 -3.69
N PHE B 278 8.98 4.82 -4.63
CA PHE B 278 8.58 4.95 -6.00
C PHE B 278 9.14 3.86 -6.89
N ALA B 279 8.49 3.67 -8.02
CA ALA B 279 8.94 2.74 -9.04
C ALA B 279 9.39 3.48 -10.29
N TYR B 280 10.12 2.78 -11.14
CA TYR B 280 10.61 3.41 -12.38
C TYR B 280 11.15 2.38 -13.37
N GLN B 281 11.12 2.73 -14.64
CA GLN B 281 11.83 1.96 -15.66
C GLN B 281 13.25 2.47 -15.71
N TYR B 282 14.19 1.56 -16.01
CA TYR B 282 15.58 1.94 -16.15
C TYR B 282 15.82 2.75 -17.42
N GLU B 283 15.64 4.04 -17.32
CA GLU B 283 15.91 4.92 -18.45
C GLU B 283 16.89 5.96 -17.97
N PRO B 284 17.82 6.38 -18.86
CA PRO B 284 18.84 7.34 -18.43
C PRO B 284 18.21 8.60 -17.87
N LEU B 285 18.85 9.19 -16.86
CA LEU B 285 18.30 10.36 -16.19
C LEU B 285 18.73 11.65 -16.89
N ASP B 286 19.95 11.64 -17.43
CA ASP B 286 20.41 12.70 -18.31
C ASP B 286 21.56 12.16 -19.11
N GLU B 287 22.26 13.03 -19.83
CA GLU B 287 23.28 12.52 -20.72
C GLU B 287 24.65 12.40 -20.07
N ASP B 288 24.71 12.44 -18.75
CA ASP B 288 25.93 12.03 -18.07
C ASP B 288 25.70 10.74 -17.27
N ASP B 289 24.56 10.11 -17.54
CA ASP B 289 24.19 8.84 -16.92
C ASP B 289 24.68 7.66 -17.75
N TRP B 290 25.75 7.02 -17.28
CA TRP B 290 26.28 5.85 -17.96
C TRP B 290 25.78 4.55 -17.34
N TYR B 291 25.54 4.57 -16.02
CA TYR B 291 25.13 3.38 -15.25
C TYR B 291 23.98 2.64 -15.92
N THR B 292 22.97 3.38 -16.32
CA THR B 292 21.73 2.79 -16.81
C THR B 292 21.88 1.98 -18.07
N GLU B 293 22.41 2.58 -19.13
CA GLU B 293 22.60 1.83 -20.36
C GLU B 293 23.73 0.81 -20.24
N TYR B 294 24.75 1.09 -19.44
CA TYR B 294 25.79 0.08 -19.23
C TYR B 294 25.20 -1.16 -18.53
N ILE B 295 24.60 -0.95 -17.37
CA ILE B 295 24.07 -2.06 -16.58
C ILE B 295 22.81 -2.68 -17.21
N PHE B 296 21.93 -1.83 -17.72
CA PHE B 296 20.67 -2.34 -18.26
C PHE B 296 20.47 -1.93 -19.72
N PRO B 297 21.21 -2.57 -20.64
CA PRO B 297 21.17 -2.18 -22.06
C PRO B 297 19.79 -2.43 -22.69
N GLY B 299 16.74 -4.07 -22.68
CA GLY B 299 16.33 -2.74 -23.09
C GLY B 299 15.56 -2.01 -22.02
N THR B 300 14.43 -2.61 -21.62
CA THR B 300 13.47 -2.00 -20.71
C THR B 300 13.10 -2.90 -19.54
N LEU B 301 13.67 -2.63 -18.37
CA LEU B 301 13.28 -3.33 -17.16
C LEU B 301 12.76 -2.34 -16.13
N VAL B 302 12.10 -2.86 -15.10
CA VAL B 302 11.41 -2.03 -14.11
C VAL B 302 11.96 -2.24 -12.69
N MET B 303 12.24 -1.13 -11.98
CA MET B 303 12.47 -1.20 -10.53
C MET B 303 11.13 -0.99 -9.80
N SER B 304 10.72 -2.01 -9.04
CA SER B 304 9.42 -1.95 -8.36
C SER B 304 9.51 -1.05 -7.13
N SER B 305 8.37 -0.75 -6.52
CA SER B 305 8.40 -0.11 -5.23
C SER B 305 7.87 -1.14 -4.24
N SER B 306 8.09 -0.90 -2.96
CA SER B 306 7.79 -1.90 -1.93
C SER B 306 6.29 -2.15 -1.86
N SER B 307 5.45 -1.16 -2.19
CA SER B 307 4.02 -1.40 -2.08
C SER B 307 3.33 -1.67 -3.41
N ILE B 308 4.08 -1.78 -4.51
CA ILE B 308 3.40 -1.78 -5.80
C ILE B 308 2.57 -3.06 -6.03
N LEU B 309 2.97 -4.22 -5.48
CA LEU B 309 2.18 -5.45 -5.68
C LEU B 309 0.79 -5.43 -4.98
N LEU B 310 0.62 -4.56 -4.00
CA LEU B 310 -0.70 -4.36 -3.40
C LEU B 310 -1.74 -3.90 -4.43
N TYR B 311 -1.29 -3.36 -5.56
CA TYR B 311 -2.22 -2.90 -6.60
C TYR B 311 -2.45 -3.97 -7.65
N PHE B 312 -1.96 -5.19 -7.40
CA PHE B 312 -2.16 -6.32 -8.33
C PHE B 312 -2.78 -7.52 -7.62
N GLN B 313 -3.95 -7.28 -7.03
CA GLN B 313 -4.61 -8.32 -6.27
C GLN B 313 -5.93 -8.75 -6.89
N GLU B 314 -5.95 -8.86 -8.21
CA GLU B 314 -7.14 -9.38 -8.89
C GLU B 314 -7.26 -10.90 -8.80
N ASP B 315 -6.14 -11.61 -8.80
CA ASP B 315 -6.16 -13.08 -8.84
C ASP B 315 -5.60 -13.77 -7.57
N VAL B 316 -4.89 -12.98 -6.75
CA VAL B 316 -4.34 -13.40 -5.47
C VAL B 316 -4.63 -12.29 -4.44
N SER B 317 -4.67 -12.64 -3.16
CA SER B 317 -4.83 -11.66 -2.05
C SER B 317 -3.67 -11.70 -1.09
N VAL B 318 -3.26 -10.54 -0.60
CA VAL B 318 -2.14 -10.48 0.34
C VAL B 318 -2.48 -11.00 1.75
N VAL B 319 -1.64 -11.92 2.22
CA VAL B 319 -1.74 -12.53 3.57
C VAL B 319 -0.82 -11.73 4.50
N ASN B 320 0.37 -11.41 4.01
CA ASN B 320 1.34 -10.69 4.81
C ASN B 320 2.29 -9.94 3.89
N HIS B 321 3.03 -9.02 4.48
CA HIS B 321 3.91 -8.17 3.73
C HIS B 321 4.98 -7.69 4.67
N TRP B 322 6.24 -7.88 4.29
CA TRP B 322 7.39 -7.46 5.10
C TRP B 322 8.40 -6.74 4.21
N THR B 323 9.22 -5.87 4.80
CA THR B 323 10.44 -5.45 4.10
C THR B 323 11.68 -5.75 4.94
N LEU B 324 12.83 -5.80 4.26
CA LEU B 324 14.17 -5.86 4.88
C LEU B 324 15.02 -4.72 4.34
N SER B 325 15.84 -4.07 5.17
CA SER B 325 16.57 -2.90 4.72
C SER B 325 17.63 -3.23 3.65
N GLY B 326 18.02 -2.20 2.90
CA GLY B 326 19.01 -2.33 1.84
C GLY B 326 20.38 -2.83 2.31
N LYS B 327 20.66 -2.75 3.61
CA LYS B 327 21.93 -3.27 4.13
C LYS B 327 22.09 -4.75 3.81
N HIS B 328 20.98 -5.48 3.74
CA HIS B 328 21.06 -6.91 3.46
C HIS B 328 21.51 -7.17 2.01
N PRO B 329 20.78 -6.62 0.99
CA PRO B 329 21.39 -6.80 -0.35
C PRO B 329 22.76 -6.13 -0.50
N SER B 330 22.99 -4.95 0.10
CA SER B 330 24.31 -4.30 0.03
C SER B 330 25.44 -5.27 0.40
N LEU B 331 25.32 -5.90 1.56
CA LEU B 331 26.27 -6.88 2.04
C LEU B 331 26.40 -8.08 1.09
N GLY B 332 25.27 -8.56 0.59
CA GLY B 332 25.25 -9.61 -0.42
C GLY B 332 26.15 -9.31 -1.63
N PHE B 333 25.98 -8.13 -2.21
CA PHE B 333 26.82 -7.75 -3.35
C PHE B 333 28.30 -7.66 -2.99
N LYS B 334 28.60 -7.10 -1.81
CA LYS B 334 29.98 -6.97 -1.38
C LYS B 334 30.64 -8.34 -1.15
N GLN B 335 29.85 -9.31 -0.70
CA GLN B 335 30.40 -10.63 -0.40
C GLN B 335 30.67 -11.38 -1.69
N TRP B 336 29.76 -11.21 -2.64
CA TRP B 336 29.88 -11.80 -3.96
C TRP B 336 31.06 -11.21 -4.69
N LEU B 337 31.25 -9.89 -4.57
CA LEU B 337 32.39 -9.23 -5.17
C LEU B 337 33.68 -9.81 -4.60
N LYS B 338 33.66 -10.07 -3.29
CA LYS B 338 34.84 -10.56 -2.59
C LYS B 338 35.18 -11.97 -3.06
N ARG B 339 34.16 -12.80 -3.23
CA ARG B 339 34.41 -14.16 -3.65
C ARG B 339 34.95 -14.19 -5.08
N LEU B 340 34.50 -13.25 -5.91
CA LEU B 340 35.01 -13.14 -7.28
C LEU B 340 36.49 -12.72 -7.29
N ASP B 341 36.80 -11.65 -6.57
CA ASP B 341 38.15 -11.10 -6.49
C ASP B 341 39.16 -12.06 -5.86
N ASP B 342 38.69 -12.85 -4.90
CA ASP B 342 39.52 -13.80 -4.19
C ASP B 342 39.91 -14.95 -5.11
N ASN B 343 39.16 -15.10 -6.19
CA ASN B 343 39.31 -16.21 -7.13
C ASN B 343 39.47 -15.75 -8.56
N ILE B 344 39.97 -14.53 -8.74
CA ILE B 344 39.85 -13.87 -10.03
C ILE B 344 40.70 -14.58 -11.10
N ASP B 345 41.84 -15.13 -10.71
CA ASP B 345 42.72 -15.72 -11.72
C ASP B 345 42.07 -16.96 -12.34
N GLU B 346 41.38 -17.77 -11.54
CA GLU B 346 40.69 -18.95 -12.08
C GLU B 346 39.37 -18.61 -12.79
N VAL B 347 38.72 -17.52 -12.37
CA VAL B 347 37.56 -17.03 -13.11
C VAL B 347 38.02 -16.50 -14.47
N LYS B 348 39.14 -15.80 -14.46
CA LYS B 348 39.68 -15.28 -15.71
C LYS B 348 40.02 -16.42 -16.68
N GLU B 349 40.39 -17.57 -16.12
CA GLU B 349 40.67 -18.80 -16.89
C GLU B 349 39.44 -19.42 -17.50
N ILE B 350 38.43 -19.58 -16.66
CA ILE B 350 37.17 -20.23 -17.04
C ILE B 350 36.47 -19.49 -18.20
N PHE B 351 36.53 -18.17 -18.18
CA PHE B 351 35.77 -17.42 -19.16
C PHE B 351 36.53 -17.25 -20.46
N GLU B 352 37.84 -17.36 -20.41
CA GLU B 352 38.60 -17.47 -21.64
C GLU B 352 38.33 -18.77 -22.39
N SER B 353 38.25 -19.90 -21.69
CA SER B 353 37.79 -21.13 -22.34
C SER B 353 36.40 -20.97 -22.90
N PHE B 354 35.47 -20.50 -22.06
CA PHE B 354 34.07 -20.47 -22.46
C PHE B 354 33.81 -19.51 -23.62
N TYR B 355 34.48 -18.36 -23.60
CA TYR B 355 34.22 -17.31 -24.59
C TYR B 355 35.20 -17.35 -25.74
N GLY B 356 36.28 -18.12 -25.58
CA GLY B 356 37.32 -18.26 -26.59
C GLY B 356 38.22 -17.04 -26.74
N SER B 357 38.11 -16.11 -25.81
CA SER B 357 38.80 -14.82 -25.91
C SER B 357 39.14 -14.26 -24.53
N LYS B 358 40.24 -13.52 -24.45
CA LYS B 358 40.58 -12.83 -23.20
C LYS B 358 39.80 -11.51 -23.11
N GLU B 359 39.48 -10.92 -24.25
CA GLU B 359 38.81 -9.63 -24.22
C GLU B 359 37.40 -9.79 -23.70
N LYS B 360 36.69 -10.78 -24.24
CA LYS B 360 35.30 -11.05 -23.83
C LYS B 360 35.21 -11.52 -22.37
N ALA B 361 36.17 -12.36 -21.95
CA ALA B 361 36.25 -12.76 -20.56
C ALA B 361 36.37 -11.52 -19.70
N MET B 362 37.30 -10.64 -20.09
CA MET B 362 37.54 -9.41 -19.37
C MET B 362 36.29 -8.55 -19.22
N LYS B 363 35.36 -8.69 -20.16
CA LYS B 363 34.20 -7.77 -20.14
C LYS B 363 33.01 -8.35 -19.42
N PHE B 364 32.93 -9.66 -19.38
CA PHE B 364 32.05 -10.30 -18.45
C PHE B 364 32.45 -9.91 -17.03
N ILE B 365 33.75 -10.04 -16.74
CA ILE B 365 34.25 -9.83 -15.41
C ILE B 365 34.06 -8.40 -14.96
N THR B 366 34.36 -7.45 -15.85
CA THR B 366 34.25 -6.05 -15.47
C THR B 366 32.78 -5.69 -15.24
N TYR B 367 31.87 -6.19 -16.09
CA TYR B 367 30.43 -5.89 -15.94
C TYR B 367 29.94 -6.29 -14.56
N TRP B 368 30.27 -7.51 -14.15
CA TRP B 368 29.76 -8.03 -12.89
C TRP B 368 30.45 -7.42 -11.67
N ARG B 369 31.70 -6.99 -11.82
CA ARG B 369 32.36 -6.22 -10.77
C ARG B 369 31.67 -4.87 -10.52
N VAL B 370 31.41 -4.13 -11.60
CA VAL B 370 30.76 -2.82 -11.52
C VAL B 370 29.32 -2.97 -11.00
N PHE B 371 28.64 -4.01 -11.45
CA PHE B 371 27.29 -4.34 -10.99
C PHE B 371 27.25 -4.47 -9.47
N CYS B 372 28.20 -5.21 -8.90
CA CYS B 372 28.26 -5.42 -7.46
C CYS B 372 28.66 -4.14 -6.76
N ILE B 373 29.64 -3.43 -7.33
CA ILE B 373 30.11 -2.21 -6.70
C ILE B 373 28.98 -1.17 -6.66
N ALA B 374 28.34 -1.00 -7.79
CA ALA B 374 27.34 0.04 -7.95
C ALA B 374 26.11 -0.29 -7.11
N HIS B 375 25.71 -1.55 -7.08
CA HIS B 375 24.51 -1.92 -6.35
C HIS B 375 24.74 -2.03 -4.85
N SER B 376 25.95 -2.41 -4.45
CA SER B 376 26.29 -2.31 -3.04
C SER B 376 26.13 -0.88 -2.53
N GLN B 377 26.61 0.08 -3.33
CA GLN B 377 26.50 1.47 -2.96
C GLN B 377 25.02 1.90 -2.91
N MET B 378 24.28 1.56 -3.96
CA MET B 378 22.87 1.95 -4.09
C MET B 378 22.06 1.49 -2.87
N TYR B 379 22.14 0.19 -2.56
CA TYR B 379 21.34 -0.38 -1.46
C TYR B 379 21.75 0.11 -0.07
N SER B 380 22.99 0.56 0.09
CA SER B 380 23.43 1.12 1.38
C SER B 380 22.93 2.54 1.65
N THR B 381 22.46 3.21 0.60
CA THR B 381 22.04 4.61 0.72
C THR B 381 21.13 4.83 1.92
N ASN B 382 21.44 5.89 2.66
CA ASN B 382 20.69 6.29 3.84
C ASN B 382 20.44 5.10 4.78
N ASN B 383 21.52 4.37 5.08
CA ASN B 383 21.45 3.29 6.06
C ASN B 383 20.50 2.18 5.60
N GLY B 384 20.35 2.04 4.29
CA GLY B 384 19.48 1.01 3.74
C GLY B 384 17.99 1.36 3.74
N GLU B 385 17.64 2.65 3.87
CA GLU B 385 16.22 3.00 3.93
C GLU B 385 15.69 3.59 2.63
N GLU B 386 16.42 3.39 1.53
CA GLU B 386 15.93 3.84 0.23
C GLU B 386 15.56 2.62 -0.64
N TRP B 387 16.57 1.89 -1.11
CA TRP B 387 16.36 0.63 -1.82
C TRP B 387 16.49 -0.49 -0.82
N MET B 388 15.68 -1.52 -1.02
CA MET B 388 15.55 -2.56 0.00
C MET B 388 14.86 -3.78 -0.59
N LEU B 389 14.46 -4.72 0.27
CA LEU B 389 13.78 -5.94 -0.18
C LEU B 389 12.32 -5.92 0.29
N SER B 390 11.43 -6.46 -0.53
CA SER B 390 10.04 -6.56 -0.17
C SER B 390 9.61 -8.01 -0.31
N GLN B 391 8.97 -8.54 0.72
CA GLN B 391 8.43 -9.86 0.65
C GLN B 391 6.92 -9.85 0.81
N VAL B 392 6.23 -10.58 -0.04
CA VAL B 392 4.79 -10.61 -0.01
C VAL B 392 4.30 -12.05 -0.07
N LEU B 393 3.41 -12.40 0.87
CA LEU B 393 2.70 -13.69 0.89
C LEU B 393 1.27 -13.53 0.35
N PHE B 394 0.97 -14.30 -0.67
CA PHE B 394 -0.33 -14.34 -1.32
C PHE B 394 -1.06 -15.67 -1.13
N LYS B 395 -2.39 -15.59 -1.04
CA LYS B 395 -3.23 -16.76 -1.20
C LYS B 395 -4.06 -16.57 -2.45
N LYS B 396 -4.73 -17.62 -2.89
CA LYS B 396 -5.50 -17.54 -4.10
C LYS B 396 -6.79 -16.72 -3.90
N LYS B 397 -7.21 -16.03 -4.96
CA LYS B 397 -8.48 -15.31 -5.08
C LYS B 397 -8.32 -13.87 -4.64
#